data_2A5S
#
_entry.id   2A5S
#
_cell.length_a   52.106
_cell.length_b   52.106
_cell.length_c   198.675
_cell.angle_alpha   90.00
_cell.angle_beta   90.00
_cell.angle_gamma   90.00
#
_symmetry.space_group_name_H-M   'P 41 21 2'
#
loop_
_entity.id
_entity.type
_entity.pdbx_description
1 polymer 'N-methyl-D-aspartate receptor NMDAR2A subunit'
2 non-polymer 'GLUTAMIC ACID'
3 water water
#
_entity_poly.entity_id   1
_entity_poly.type   'polypeptide(L)'
_entity_poly.pdbx_seq_one_letter_code
;GPDDNHLSIVTLEEAPFVIVEDIDPLTETCVRNTVPCRKFVKINNSTNEGMNVKKCCKGFCIDILKKLSRTVKFTYDLYL
VTNGKHGKKVNNVWNGMIGEVVYQRAVMAVGSLTINEERSEVVDFSVPFVETGISVMVSRGTQVTGLSDKKFQRPHDYSP
PFRFGTVPNGSTERNIRNNYPYMHQYMTRFNQRGVEDALVSLKTGKLDAFIYDAAVLNYKAGRDEGCKLVTIGSGYIFAT
TGYGIALQKGSPWKRQIDLALLQFVGDGEMEELETLWLTGICHN
;
_entity_poly.pdbx_strand_id   A
#
# COMPACT_ATOMS: atom_id res chain seq x y z
N ASN A 5 14.51 -19.02 16.16
CA ASN A 5 14.06 -18.78 14.76
C ASN A 5 13.34 -17.44 14.64
N HIS A 6 13.97 -16.37 15.10
CA HIS A 6 13.40 -15.03 15.04
C HIS A 6 13.29 -14.66 13.56
N LEU A 7 12.08 -14.33 13.10
CA LEU A 7 11.87 -13.99 11.70
C LEU A 7 12.05 -12.51 11.36
N SER A 8 12.83 -12.24 10.32
CA SER A 8 13.05 -10.88 9.86
C SER A 8 11.87 -10.54 8.95
N ILE A 9 11.10 -9.53 9.33
CA ILE A 9 9.93 -9.12 8.55
C ILE A 9 10.01 -7.64 8.20
N VAL A 10 9.72 -7.31 6.94
CA VAL A 10 9.76 -5.93 6.50
C VAL A 10 8.38 -5.36 6.29
N THR A 11 8.24 -4.06 6.52
CA THR A 11 6.97 -3.38 6.30
C THR A 11 7.22 -1.97 5.78
N LEU A 12 6.14 -1.26 5.47
CA LEU A 12 6.21 0.08 4.93
C LEU A 12 5.01 0.86 5.45
N GLU A 13 5.23 2.11 5.82
CA GLU A 13 4.13 2.91 6.33
C GLU A 13 3.14 3.34 5.24
N GLU A 14 1.87 3.13 5.53
CA GLU A 14 0.74 3.52 4.68
C GLU A 14 -0.53 3.33 5.49
N ALA A 15 -1.02 4.41 6.09
CA ALA A 15 -2.23 4.36 6.90
C ALA A 15 -3.41 3.93 6.05
N PRO A 16 -4.35 3.16 6.63
CA PRO A 16 -4.41 2.66 8.01
C PRO A 16 -3.82 1.26 8.17
N PHE A 17 -3.14 0.79 7.14
CA PHE A 17 -2.56 -0.55 7.19
C PHE A 17 -1.32 -0.64 8.07
N VAL A 18 -0.45 0.37 7.97
CA VAL A 18 0.76 0.43 8.79
C VAL A 18 0.98 1.89 9.14
N ILE A 19 1.02 2.16 10.44
CA ILE A 19 1.21 3.51 10.96
C ILE A 19 2.45 3.50 11.85
N VAL A 20 3.34 4.45 11.63
CA VAL A 20 4.57 4.51 12.43
C VAL A 20 4.59 5.66 13.42
N GLU A 21 5.15 5.41 14.60
CA GLU A 21 5.23 6.43 15.64
C GLU A 21 6.60 6.36 16.31
N ASP A 22 7.06 7.49 16.86
CA ASP A 22 8.34 7.51 17.55
C ASP A 22 8.16 6.77 18.86
N ILE A 23 9.24 6.14 19.33
CA ILE A 23 9.18 5.41 20.57
C ILE A 23 9.28 6.39 21.73
N ASP A 24 8.81 5.98 22.90
CA ASP A 24 8.86 6.84 24.09
C ASP A 24 10.27 6.83 24.66
N PRO A 25 10.95 7.99 24.64
CA PRO A 25 12.32 8.13 25.15
C PRO A 25 12.50 7.55 26.56
N LEU A 26 11.54 7.81 27.43
CA LEU A 26 11.59 7.32 28.81
C LEU A 26 10.98 5.92 28.89
N GLU A 28 11.35 3.52 26.80
CA GLU A 28 11.86 3.07 25.51
C GLU A 28 11.18 1.77 25.07
N THR A 29 9.88 1.67 25.32
CA THR A 29 9.14 0.48 24.94
C THR A 29 7.82 0.82 24.26
N CYS A 30 7.42 0.00 23.30
CA CYS A 30 6.17 0.23 22.59
C CYS A 30 5.02 -0.40 23.39
N VAL A 31 3.96 0.35 23.60
CA VAL A 31 2.83 -0.16 24.36
C VAL A 31 1.51 -0.10 23.58
N ARG A 32 0.42 -0.25 24.31
CA ARG A 32 -0.92 -0.22 23.73
C ARG A 32 -1.05 -1.24 22.59
N ASN A 33 -1.51 -0.79 21.43
CA ASN A 33 -1.69 -1.70 20.30
C ASN A 33 -0.53 -1.67 19.31
N THR A 34 0.61 -1.14 19.73
CA THR A 34 1.78 -1.06 18.86
C THR A 34 2.78 -2.18 19.13
N VAL A 35 3.69 -2.37 18.18
CA VAL A 35 4.74 -3.37 18.29
C VAL A 35 6.04 -2.71 17.84
N PRO A 36 7.19 -3.23 18.29
CA PRO A 36 8.49 -2.66 17.91
C PRO A 36 8.81 -2.81 16.43
N CYS A 37 9.36 -1.77 15.83
CA CYS A 37 9.78 -1.78 14.43
C CYS A 37 10.93 -0.80 14.30
N ARG A 38 12.01 -1.25 13.65
CA ARG A 38 13.19 -0.44 13.47
C ARG A 38 13.39 0.02 12.04
N LYS A 39 14.18 1.08 11.87
CA LYS A 39 14.50 1.58 10.55
C LYS A 39 15.94 2.02 10.52
N PHE A 40 16.65 1.65 9.45
CA PHE A 40 18.05 2.05 9.29
C PHE A 40 18.00 3.46 8.72
N VAL A 41 18.57 4.41 9.46
CA VAL A 41 18.58 5.82 9.03
C VAL A 41 20.02 6.30 8.84
N LYS A 42 20.28 6.92 7.70
CA LYS A 42 21.61 7.42 7.35
C LYS A 42 22.05 8.62 8.19
N ILE A 43 23.36 8.70 8.45
CA ILE A 43 23.91 9.82 9.23
C ILE A 43 23.85 11.11 8.40
N ASN A 44 24.12 10.99 7.12
CA ASN A 44 24.09 12.13 6.22
C ASN A 44 23.68 11.69 4.82
N ASN A 45 23.67 12.63 3.88
CA ASN A 45 23.27 12.30 2.52
C ASN A 45 24.44 11.97 1.60
N SER A 46 25.60 11.68 2.20
CA SER A 46 26.80 11.36 1.43
C SER A 46 27.24 9.89 1.47
N THR A 47 27.31 9.32 2.68
CA THR A 47 27.77 7.94 2.83
C THR A 47 26.69 6.91 3.12
N ASN A 48 27.12 5.67 3.31
CA ASN A 48 26.23 4.54 3.60
C ASN A 48 26.04 4.42 5.10
N GLU A 49 26.85 5.17 5.85
CA GLU A 49 26.79 5.14 7.30
C GLU A 49 25.40 5.45 7.83
N GLY A 50 25.00 4.68 8.83
CA GLY A 50 23.70 4.88 9.43
C GLY A 50 23.57 4.08 10.70
N MET A 51 22.45 4.23 11.38
CA MET A 51 22.18 3.50 12.60
C MET A 51 20.71 3.14 12.62
N ASN A 52 20.39 1.99 13.19
CA ASN A 52 19.00 1.55 13.27
C ASN A 52 18.31 2.32 14.38
N VAL A 53 17.16 2.91 14.05
CA VAL A 53 16.38 3.69 15.00
C VAL A 53 15.14 2.90 15.42
N LYS A 54 14.91 2.81 16.72
CA LYS A 54 13.74 2.08 17.22
C LYS A 54 12.49 2.95 17.13
N LYS A 55 11.43 2.38 16.59
CA LYS A 55 10.16 3.08 16.44
C LYS A 55 9.06 2.11 16.85
N CYS A 56 7.81 2.51 16.72
CA CYS A 56 6.69 1.65 17.05
C CYS A 56 5.73 1.62 15.88
N CYS A 57 5.12 0.46 15.66
CA CYS A 57 4.20 0.28 14.54
C CYS A 57 2.83 -0.27 14.95
N LYS A 58 1.79 0.19 14.24
CA LYS A 58 0.42 -0.26 14.47
C LYS A 58 -0.36 -0.19 13.16
N GLY A 59 -1.57 -0.72 13.16
CA GLY A 59 -2.38 -0.69 11.95
C GLY A 59 -3.04 -2.02 11.66
N PHE A 60 -3.86 -2.05 10.62
CA PHE A 60 -4.58 -3.25 10.22
C PHE A 60 -3.62 -4.40 9.95
N CYS A 61 -2.59 -4.13 9.16
CA CYS A 61 -1.63 -5.17 8.82
C CYS A 61 -0.78 -5.60 10.01
N ILE A 62 -0.56 -4.68 10.94
CA ILE A 62 0.23 -5.01 12.13
C ILE A 62 -0.58 -5.95 13.02
N ASP A 63 -1.88 -5.71 13.11
CA ASP A 63 -2.75 -6.57 13.91
C ASP A 63 -2.82 -7.95 13.27
N ILE A 64 -2.74 -8.00 11.95
CA ILE A 64 -2.74 -9.29 11.25
C ILE A 64 -1.45 -10.01 11.63
N LEU A 65 -0.34 -9.27 11.65
CA LEU A 65 0.96 -9.83 12.02
C LEU A 65 0.92 -10.35 13.45
N LYS A 66 0.34 -9.58 14.36
CA LYS A 66 0.25 -10.00 15.75
C LYS A 66 -0.51 -11.32 15.85
N LYS A 67 -1.60 -11.44 15.09
CA LYS A 67 -2.41 -12.66 15.11
C LYS A 67 -1.64 -13.84 14.53
N LEU A 68 -0.93 -13.61 13.41
CA LEU A 68 -0.14 -14.68 12.79
C LEU A 68 0.95 -15.14 13.74
N SER A 69 1.61 -14.19 14.41
CA SER A 69 2.67 -14.52 15.35
C SER A 69 2.11 -15.42 16.45
N ARG A 70 0.94 -15.05 16.96
CA ARG A 70 0.27 -15.79 18.03
C ARG A 70 -0.14 -17.19 17.57
N THR A 71 -0.85 -17.23 16.45
CA THR A 71 -1.36 -18.49 15.91
C THR A 71 -0.33 -19.46 15.34
N VAL A 72 0.62 -18.94 14.56
CA VAL A 72 1.65 -19.79 13.97
C VAL A 72 2.78 -20.04 14.97
N LYS A 73 2.80 -19.24 16.04
CA LYS A 73 3.79 -19.36 17.11
C LYS A 73 5.23 -19.04 16.76
N PHE A 74 5.45 -17.86 16.20
CA PHE A 74 6.80 -17.43 15.87
C PHE A 74 7.02 -16.05 16.47
N THR A 75 8.28 -15.65 16.56
CA THR A 75 8.61 -14.33 17.07
C THR A 75 9.24 -13.62 15.89
N TYR A 76 9.26 -12.30 15.90
CA TYR A 76 9.79 -11.58 14.77
C TYR A 76 10.51 -10.28 15.09
N ASP A 77 11.29 -9.82 14.11
CA ASP A 77 12.05 -8.58 14.18
C ASP A 77 11.56 -7.77 12.98
N LEU A 78 10.63 -6.85 13.25
CA LEU A 78 10.04 -6.02 12.23
C LEU A 78 10.87 -4.78 11.89
N TYR A 79 11.10 -4.56 10.60
CA TYR A 79 11.87 -3.40 10.16
C TYR A 79 11.22 -2.71 8.97
N LEU A 80 11.48 -1.41 8.83
CA LEU A 80 10.93 -0.60 7.75
C LEU A 80 11.85 -0.51 6.55
N VAL A 81 11.29 -0.60 5.35
CA VAL A 81 12.08 -0.52 4.13
C VAL A 81 12.75 0.86 4.04
N THR A 82 13.97 0.89 3.50
CA THR A 82 14.72 2.15 3.38
C THR A 82 14.90 2.64 1.94
N ASN A 83 14.94 1.71 0.98
CA ASN A 83 15.11 2.08 -0.41
C ASN A 83 13.89 1.64 -1.21
N GLY A 84 13.12 2.62 -1.68
CA GLY A 84 11.93 2.32 -2.44
C GLY A 84 10.74 2.23 -1.51
N LYS A 85 9.60 1.80 -2.05
CA LYS A 85 8.39 1.69 -1.26
C LYS A 85 7.86 0.26 -1.30
N HIS A 86 6.73 0.05 -1.97
CA HIS A 86 6.14 -1.28 -2.04
C HIS A 86 7.01 -2.23 -2.85
N GLY A 87 7.49 -1.79 -4.00
CA GLY A 87 8.33 -2.64 -4.81
C GLY A 87 8.31 -2.32 -6.29
N LYS A 88 9.51 -2.13 -6.85
CA LYS A 88 9.64 -1.84 -8.27
C LYS A 88 11.00 -2.34 -8.74
N LYS A 89 11.05 -2.81 -9.98
CA LYS A 89 12.29 -3.28 -10.56
C LYS A 89 12.92 -2.08 -11.25
N VAL A 90 13.98 -1.55 -10.64
CA VAL A 90 14.68 -0.38 -11.17
C VAL A 90 16.07 -0.79 -11.64
N ASN A 91 16.37 -0.54 -12.90
CA ASN A 91 17.66 -0.91 -13.48
C ASN A 91 17.92 -2.39 -13.26
N ASN A 92 16.87 -3.19 -13.46
CA ASN A 92 16.93 -4.64 -13.33
C ASN A 92 17.10 -5.14 -11.90
N VAL A 93 16.89 -4.28 -10.92
CA VAL A 93 17.03 -4.66 -9.52
C VAL A 93 15.83 -4.24 -8.68
N TRP A 94 15.22 -5.21 -8.00
CA TRP A 94 14.06 -4.93 -7.16
C TRP A 94 14.36 -4.11 -5.92
N ASN A 95 13.51 -3.12 -5.64
CA ASN A 95 13.67 -2.30 -4.44
C ASN A 95 12.38 -2.44 -3.62
N GLY A 96 12.26 -1.65 -2.55
CA GLY A 96 11.07 -1.71 -1.73
C GLY A 96 10.90 -3.01 -0.96
N MET A 97 9.68 -3.29 -0.51
CA MET A 97 9.42 -4.51 0.25
C MET A 97 9.72 -5.75 -0.58
N ILE A 98 9.34 -5.74 -1.86
CA ILE A 98 9.57 -6.89 -2.73
C ILE A 98 11.07 -7.19 -2.80
N GLY A 99 11.88 -6.14 -2.92
CA GLY A 99 13.33 -6.32 -2.98
C GLY A 99 13.89 -7.00 -1.74
N GLU A 100 13.41 -6.59 -0.57
CA GLU A 100 13.89 -7.18 0.68
C GLU A 100 13.64 -8.69 0.70
N VAL A 101 12.51 -9.13 0.15
CA VAL A 101 12.18 -10.54 0.11
C VAL A 101 12.97 -11.28 -0.98
N VAL A 102 13.04 -10.69 -2.17
CA VAL A 102 13.76 -11.31 -3.27
C VAL A 102 15.23 -11.54 -2.95
N TYR A 103 15.86 -10.58 -2.29
CA TYR A 103 17.27 -10.70 -1.94
C TYR A 103 17.51 -11.26 -0.54
N GLN A 104 16.48 -11.94 -0.05
CA GLN A 104 16.49 -12.63 1.24
C GLN A 104 16.89 -11.89 2.50
N ARG A 105 16.55 -10.60 2.60
CA ARG A 105 16.85 -9.84 3.80
C ARG A 105 15.68 -10.03 4.76
N ALA A 106 14.50 -10.30 4.19
CA ALA A 106 13.29 -10.52 4.96
C ALA A 106 12.64 -11.84 4.57
N VAL A 107 12.10 -12.55 5.56
CA VAL A 107 11.42 -13.82 5.33
C VAL A 107 10.01 -13.55 4.81
N MET A 108 9.45 -12.42 5.23
CA MET A 108 8.10 -12.01 4.82
C MET A 108 8.02 -10.49 4.74
N ALA A 109 7.06 -10.01 3.97
CA ALA A 109 6.79 -8.59 3.82
C ALA A 109 5.31 -8.42 4.12
N VAL A 110 5.00 -7.58 5.11
CA VAL A 110 3.62 -7.35 5.51
C VAL A 110 3.27 -5.88 5.35
N GLY A 111 2.10 -5.62 4.77
CA GLY A 111 1.68 -4.25 4.56
C GLY A 111 0.69 -4.17 3.43
N SER A 112 0.48 -2.96 2.92
CA SER A 112 -0.45 -2.74 1.81
C SER A 112 0.24 -3.13 0.50
N LEU A 113 0.66 -4.38 0.44
CA LEU A 113 1.39 -4.91 -0.71
C LEU A 113 0.47 -5.60 -1.72
N THR A 114 0.36 -5.00 -2.90
CA THR A 114 -0.48 -5.52 -3.97
C THR A 114 0.12 -6.70 -4.72
N ILE A 115 -0.70 -7.72 -4.93
CA ILE A 115 -0.30 -8.91 -5.66
C ILE A 115 -0.45 -8.63 -7.16
N ASN A 116 0.61 -8.85 -7.93
CA ASN A 116 0.54 -8.69 -9.39
C ASN A 116 1.43 -9.73 -10.05
N GLU A 117 1.24 -9.93 -11.36
CA GLU A 117 2.02 -10.94 -12.07
C GLU A 117 3.53 -10.80 -12.03
N GLU A 118 4.04 -9.58 -12.22
CA GLU A 118 5.48 -9.37 -12.20
C GLU A 118 6.07 -9.78 -10.86
N ARG A 119 5.43 -9.37 -9.78
CA ARG A 119 5.92 -9.71 -8.44
C ARG A 119 5.81 -11.20 -8.14
N SER A 120 4.75 -11.84 -8.62
CA SER A 120 4.56 -13.26 -8.36
C SER A 120 5.63 -14.12 -9.02
N GLU A 121 6.34 -13.56 -9.99
CA GLU A 121 7.40 -14.31 -10.67
C GLU A 121 8.63 -14.45 -9.80
N VAL A 122 8.81 -13.53 -8.85
CA VAL A 122 9.98 -13.54 -7.98
C VAL A 122 9.72 -13.80 -6.50
N VAL A 123 8.46 -13.68 -6.07
CA VAL A 123 8.12 -13.95 -4.69
C VAL A 123 6.82 -14.74 -4.64
N ASP A 124 6.57 -15.42 -3.52
CA ASP A 124 5.33 -16.16 -3.38
C ASP A 124 4.44 -15.27 -2.51
N PHE A 125 3.14 -15.31 -2.75
CA PHE A 125 2.19 -14.52 -1.96
C PHE A 125 1.23 -15.41 -1.20
N SER A 126 0.77 -14.92 -0.05
CA SER A 126 -0.23 -15.64 0.72
C SER A 126 -1.52 -15.37 -0.04
N VAL A 127 -2.60 -15.97 0.42
CA VAL A 127 -3.90 -15.73 -0.21
C VAL A 127 -4.19 -14.26 0.06
N PRO A 128 -4.98 -13.60 -0.81
CA PRO A 128 -5.26 -12.19 -0.55
C PRO A 128 -6.16 -12.01 0.67
N PHE A 129 -5.95 -10.93 1.43
CA PHE A 129 -6.76 -10.70 2.61
C PHE A 129 -7.46 -9.33 2.63
N VAL A 130 -7.17 -8.50 1.63
CA VAL A 130 -7.80 -7.19 1.47
C VAL A 130 -8.00 -7.07 -0.03
N GLU A 131 -9.21 -6.76 -0.48
CA GLU A 131 -9.42 -6.65 -1.92
C GLU A 131 -9.03 -5.26 -2.40
N THR A 132 -8.46 -5.20 -3.60
CA THR A 132 -8.07 -3.91 -4.13
C THR A 132 -8.03 -3.92 -5.64
N GLY A 133 -7.53 -2.84 -6.21
CA GLY A 133 -7.45 -2.69 -7.65
C GLY A 133 -7.19 -1.23 -7.91
N ILE A 134 -7.68 -0.71 -9.02
CA ILE A 134 -7.47 0.70 -9.35
C ILE A 134 -8.77 1.48 -9.25
N SER A 135 -8.75 2.54 -8.45
CA SER A 135 -9.92 3.38 -8.30
C SER A 135 -9.58 4.83 -8.63
N VAL A 136 -10.61 5.64 -8.76
CA VAL A 136 -10.47 7.05 -9.12
C VAL A 136 -11.12 7.89 -8.03
N MET A 137 -10.38 8.88 -7.51
CA MET A 137 -10.94 9.74 -6.49
C MET A 137 -11.10 11.15 -7.06
N VAL A 138 -12.25 11.76 -6.82
CA VAL A 138 -12.56 13.11 -7.28
C VAL A 138 -13.24 13.89 -6.17
N SER A 139 -13.37 15.19 -6.38
CA SER A 139 -14.04 16.05 -5.40
C SER A 139 -15.53 15.74 -5.51
N ARG A 140 -16.21 15.66 -4.38
CA ARG A 140 -17.64 15.35 -4.40
C ARG A 140 -18.35 16.35 -5.30
N GLY A 141 -19.05 15.84 -6.31
CA GLY A 141 -19.76 16.70 -7.25
C GLY A 141 -19.27 16.44 -8.66
N THR A 142 -17.98 16.16 -8.80
CA THR A 142 -17.37 15.88 -10.10
C THR A 142 -17.95 14.59 -10.68
N GLN A 143 -18.26 14.61 -11.97
CA GLN A 143 -18.82 13.43 -12.63
C GLN A 143 -17.86 12.71 -13.57
N VAL A 144 -17.63 11.43 -13.29
CA VAL A 144 -16.78 10.56 -14.10
C VAL A 144 -17.35 9.14 -13.97
N THR A 145 -17.37 8.40 -15.07
CA THR A 145 -17.89 7.04 -15.08
C THR A 145 -16.84 6.02 -14.65
N GLY A 146 -15.58 6.38 -14.84
CA GLY A 146 -14.47 5.51 -14.52
C GLY A 146 -13.32 5.97 -15.40
N LEU A 147 -12.29 5.15 -15.57
CA LEU A 147 -11.16 5.55 -16.39
C LEU A 147 -11.42 5.54 -17.91
N SER A 148 -12.56 5.00 -18.32
CA SER A 148 -12.89 5.00 -19.75
C SER A 148 -13.66 6.26 -20.11
N ASP A 149 -13.90 7.12 -19.12
CA ASP A 149 -14.61 8.38 -19.34
C ASP A 149 -13.83 9.23 -20.34
N LYS A 150 -14.53 9.99 -21.17
CA LYS A 150 -13.89 10.84 -22.17
C LYS A 150 -12.89 11.81 -21.55
N LYS A 151 -13.14 12.21 -20.31
CA LYS A 151 -12.25 13.13 -19.63
C LYS A 151 -10.85 12.53 -19.50
N PHE A 152 -10.78 11.21 -19.35
CA PHE A 152 -9.50 10.52 -19.23
C PHE A 152 -8.93 10.11 -20.58
N GLN A 153 -9.80 9.72 -21.50
CA GLN A 153 -9.38 9.29 -22.84
C GLN A 153 -8.86 10.46 -23.69
N ARG A 154 -9.55 11.59 -23.63
CA ARG A 154 -9.18 12.78 -24.40
C ARG A 154 -9.14 13.99 -23.48
N PRO A 155 -8.18 14.02 -22.54
CA PRO A 155 -8.08 15.15 -21.60
C PRO A 155 -7.97 16.54 -22.24
N HIS A 156 -7.31 16.62 -23.39
CA HIS A 156 -7.14 17.90 -24.07
C HIS A 156 -8.40 18.41 -24.75
N ASP A 157 -9.46 17.61 -24.75
CA ASP A 157 -10.71 18.03 -25.37
C ASP A 157 -11.48 18.91 -24.40
N TYR A 158 -10.83 19.24 -23.28
CA TYR A 158 -11.45 20.08 -22.26
C TYR A 158 -10.61 21.31 -21.96
N SER A 159 -11.29 22.39 -21.56
CA SER A 159 -10.62 23.64 -21.24
C SER A 159 -10.91 24.00 -19.79
N PRO A 160 -9.91 23.86 -18.90
CA PRO A 160 -8.54 23.40 -19.14
C PRO A 160 -8.44 21.88 -19.24
N PRO A 161 -7.32 21.38 -19.80
CA PRO A 161 -7.12 19.93 -19.94
C PRO A 161 -7.32 19.21 -18.62
N PHE A 162 -8.10 18.13 -18.65
CA PHE A 162 -8.38 17.34 -17.46
C PHE A 162 -7.08 16.95 -16.75
N ARG A 163 -6.99 17.29 -15.47
CA ARG A 163 -5.81 17.02 -14.67
C ARG A 163 -5.94 15.77 -13.80
N PHE A 164 -5.16 14.75 -14.10
CA PHE A 164 -5.22 13.54 -13.29
C PHE A 164 -3.85 12.85 -13.20
N GLY A 165 -3.58 12.24 -12.05
CA GLY A 165 -2.31 11.57 -11.85
C GLY A 165 -2.36 10.55 -10.73
N THR A 166 -1.21 9.92 -10.46
CA THR A 166 -1.09 8.91 -9.41
C THR A 166 0.23 9.13 -8.68
N VAL A 167 0.54 8.24 -7.73
CA VAL A 167 1.80 8.29 -7.02
C VAL A 167 2.60 7.26 -7.82
N PRO A 168 3.74 7.68 -8.40
CA PRO A 168 4.53 6.73 -9.18
C PRO A 168 5.24 5.59 -8.47
N ASN A 169 5.68 4.63 -9.29
CA ASN A 169 6.44 3.46 -8.88
C ASN A 169 5.72 2.28 -8.23
N GLY A 170 4.40 2.35 -8.17
CA GLY A 170 3.63 1.26 -7.57
C GLY A 170 2.88 0.43 -8.59
N SER A 171 2.00 -0.44 -8.11
CA SER A 171 1.24 -1.32 -9.00
C SER A 171 0.27 -0.55 -9.90
N THR A 172 -0.27 0.56 -9.42
CA THR A 172 -1.19 1.36 -10.22
C THR A 172 -0.47 1.91 -11.45
N GLU A 173 0.66 2.57 -11.25
CA GLU A 173 1.40 3.09 -12.39
C GLU A 173 1.80 1.96 -13.35
N ARG A 174 2.22 0.84 -12.80
CA ARG A 174 2.63 -0.30 -13.63
C ARG A 174 1.50 -0.73 -14.57
N ASN A 175 0.29 -0.84 -14.04
CA ASN A 175 -0.85 -1.26 -14.85
C ASN A 175 -1.21 -0.26 -15.94
N ILE A 176 -0.92 1.01 -15.73
CA ILE A 176 -1.23 2.01 -16.74
C ILE A 176 -0.09 2.04 -17.77
N ARG A 177 1.14 2.12 -17.28
CA ARG A 177 2.31 2.17 -18.16
C ARG A 177 2.43 0.97 -19.10
N ASN A 178 2.11 -0.22 -18.60
CA ASN A 178 2.22 -1.44 -19.39
C ASN A 178 1.13 -1.62 -20.45
N ASN A 179 0.06 -0.87 -20.36
CA ASN A 179 -1.05 -1.04 -21.30
C ASN A 179 -1.53 0.18 -22.08
N TYR A 180 -1.41 1.37 -21.49
CA TYR A 180 -1.89 2.58 -22.15
C TYR A 180 -0.79 3.65 -22.13
N PRO A 181 0.13 3.58 -23.08
CA PRO A 181 1.25 4.54 -23.16
C PRO A 181 0.87 6.02 -23.09
N TYR A 182 -0.11 6.44 -23.87
CA TYR A 182 -0.50 7.86 -23.88
C TYR A 182 -1.02 8.30 -22.53
N MET A 183 -1.90 7.51 -21.94
CA MET A 183 -2.45 7.87 -20.64
C MET A 183 -1.33 8.00 -19.63
N HIS A 184 -0.38 7.07 -19.68
CA HIS A 184 0.74 7.10 -18.75
C HIS A 184 1.60 8.35 -18.92
N GLN A 185 1.99 8.66 -20.14
CA GLN A 185 2.84 9.83 -20.36
C GLN A 185 2.11 11.15 -20.14
N TYR A 186 0.78 11.13 -20.24
CA TYR A 186 0.00 12.34 -20.00
C TYR A 186 -0.01 12.54 -18.47
N MET A 187 -0.25 11.45 -17.76
CA MET A 187 -0.31 11.43 -16.31
C MET A 187 0.95 11.85 -15.56
N THR A 188 2.12 11.52 -16.09
CA THR A 188 3.36 11.86 -15.40
C THR A 188 3.44 13.36 -15.14
N ARG A 189 2.74 14.15 -15.95
CA ARG A 189 2.71 15.60 -15.79
C ARG A 189 2.12 15.94 -14.41
N PHE A 190 1.27 15.04 -13.91
CA PHE A 190 0.61 15.24 -12.63
C PHE A 190 1.01 14.27 -11.53
N ASN A 191 2.23 13.73 -11.60
CA ASN A 191 2.70 12.81 -10.56
C ASN A 191 2.54 13.46 -9.19
N GLN A 192 2.11 12.66 -8.21
CA GLN A 192 1.91 13.12 -6.84
C GLN A 192 2.98 12.47 -5.95
N ARG A 193 3.52 13.23 -5.01
CA ARG A 193 4.55 12.72 -4.11
C ARG A 193 3.98 11.69 -3.15
N GLY A 194 2.71 11.85 -2.80
CA GLY A 194 2.07 10.92 -1.88
C GLY A 194 0.57 11.13 -1.84
N VAL A 195 -0.11 10.24 -1.12
CA VAL A 195 -1.57 10.32 -1.00
C VAL A 195 -2.07 11.63 -0.41
N GLU A 196 -1.50 12.04 0.73
CA GLU A 196 -1.92 13.28 1.37
C GLU A 196 -1.77 14.49 0.45
N ASP A 197 -0.68 14.54 -0.32
CA ASP A 197 -0.46 15.62 -1.26
C ASP A 197 -1.60 15.66 -2.28
N ALA A 198 -1.94 14.49 -2.83
CA ALA A 198 -3.01 14.39 -3.81
C ALA A 198 -4.38 14.81 -3.29
N LEU A 199 -4.71 14.41 -2.07
CA LEU A 199 -6.00 14.76 -1.49
C LEU A 199 -6.16 16.27 -1.36
N VAL A 200 -5.09 16.95 -0.97
CA VAL A 200 -5.12 18.40 -0.83
C VAL A 200 -5.33 19.06 -2.19
N SER A 201 -4.67 18.53 -3.21
CA SER A 201 -4.81 19.06 -4.58
C SER A 201 -6.25 18.96 -5.06
N LEU A 202 -6.94 17.87 -4.71
CA LEU A 202 -8.33 17.67 -5.11
C LEU A 202 -9.29 18.64 -4.42
N LYS A 203 -9.23 18.67 -3.09
CA LYS A 203 -10.12 19.52 -2.31
C LYS A 203 -9.96 21.01 -2.55
N THR A 204 -8.80 21.42 -3.08
CA THR A 204 -8.58 22.84 -3.36
C THR A 204 -8.77 23.13 -4.84
N GLY A 205 -9.16 22.09 -5.60
CA GLY A 205 -9.40 22.25 -7.02
C GLY A 205 -8.17 22.42 -7.89
N LYS A 206 -7.04 21.86 -7.45
CA LYS A 206 -5.80 21.97 -8.22
C LYS A 206 -5.56 20.68 -9.03
N LEU A 207 -6.35 19.66 -8.73
CA LEU A 207 -6.26 18.37 -9.41
C LEU A 207 -7.70 17.91 -9.61
N ASP A 208 -7.99 17.29 -10.76
CA ASP A 208 -9.34 16.85 -11.04
C ASP A 208 -9.62 15.41 -10.60
N ALA A 209 -8.63 14.55 -10.71
CA ALA A 209 -8.81 13.16 -10.31
C ALA A 209 -7.50 12.52 -9.90
N PHE A 210 -7.56 11.68 -8.87
CA PHE A 210 -6.39 10.96 -8.35
C PHE A 210 -6.65 9.47 -8.55
N ILE A 211 -5.76 8.82 -9.32
CA ILE A 211 -5.87 7.39 -9.63
C ILE A 211 -4.92 6.64 -8.70
N TYR A 212 -5.45 5.71 -7.91
CA TYR A 212 -4.61 5.01 -6.95
C TYR A 212 -5.26 3.72 -6.44
N ASP A 213 -4.54 3.04 -5.56
CA ASP A 213 -4.99 1.80 -4.93
C ASP A 213 -6.40 1.97 -4.38
N ALA A 214 -7.28 1.04 -4.75
CA ALA A 214 -8.67 1.10 -4.32
C ALA A 214 -8.89 1.01 -2.81
N ALA A 215 -8.14 0.13 -2.14
CA ALA A 215 -8.31 -0.03 -0.70
C ALA A 215 -8.03 1.26 0.04
N VAL A 216 -6.95 1.93 -0.32
CA VAL A 216 -6.60 3.18 0.34
C VAL A 216 -7.59 4.29 -0.03
N LEU A 217 -7.95 4.40 -1.31
CA LEU A 217 -8.89 5.46 -1.69
C LEU A 217 -10.26 5.25 -1.06
N ASN A 218 -10.70 4.01 -0.93
CA ASN A 218 -12.00 3.76 -0.31
C ASN A 218 -11.95 4.22 1.15
N TYR A 219 -10.83 3.94 1.80
CA TYR A 219 -10.64 4.31 3.19
C TYR A 219 -10.61 5.83 3.37
N LYS A 220 -9.82 6.51 2.54
CA LYS A 220 -9.70 7.96 2.65
C LYS A 220 -11.02 8.68 2.41
N ALA A 221 -11.79 8.23 1.43
CA ALA A 221 -13.06 8.86 1.14
C ALA A 221 -14.06 8.62 2.27
N GLY A 222 -13.90 7.48 2.94
CA GLY A 222 -14.79 7.13 4.04
C GLY A 222 -14.71 8.01 5.27
N ARG A 223 -13.59 8.68 5.49
CA ARG A 223 -13.49 9.53 6.68
C ARG A 223 -12.81 10.87 6.41
N ASP A 224 -13.00 11.38 5.21
CA ASP A 224 -12.42 12.67 4.85
C ASP A 224 -13.08 13.73 5.71
N GLU A 225 -12.29 14.68 6.21
CA GLU A 225 -12.85 15.74 7.05
C GLU A 225 -13.76 16.60 6.19
N GLY A 226 -15.06 16.48 6.43
CA GLY A 226 -16.04 17.24 5.66
C GLY A 226 -16.64 16.41 4.54
N CYS A 227 -16.19 15.16 4.42
CA CYS A 227 -16.67 14.25 3.39
C CYS A 227 -16.75 14.93 2.02
N LYS A 228 -15.63 15.50 1.59
CA LYS A 228 -15.56 16.21 0.32
C LYS A 228 -14.96 15.38 -0.79
N LEU A 229 -14.76 14.09 -0.56
CA LEU A 229 -14.16 13.20 -1.57
C LEU A 229 -15.03 12.01 -1.95
N VAL A 230 -15.01 11.66 -3.24
CA VAL A 230 -15.76 10.52 -3.74
C VAL A 230 -14.82 9.58 -4.49
N THR A 231 -14.99 8.29 -4.28
CA THR A 231 -14.16 7.31 -4.96
C THR A 231 -15.03 6.38 -5.79
N ILE A 232 -14.62 6.13 -7.03
CA ILE A 232 -15.36 5.22 -7.90
C ILE A 232 -14.38 4.28 -8.59
N GLY A 233 -14.84 3.06 -8.85
CA GLY A 233 -13.99 2.08 -9.49
C GLY A 233 -13.55 2.52 -10.88
N SER A 234 -12.34 2.14 -11.26
CA SER A 234 -11.79 2.51 -12.57
C SER A 234 -12.46 1.75 -13.71
N GLY A 235 -12.88 0.52 -13.44
CA GLY A 235 -13.48 -0.28 -14.49
C GLY A 235 -12.40 -1.15 -15.12
N TYR A 236 -11.16 -0.97 -14.66
CA TYR A 236 -10.03 -1.75 -15.16
C TYR A 236 -10.01 -3.07 -14.39
N ILE A 237 -10.94 -3.96 -14.73
CA ILE A 237 -11.06 -5.24 -14.05
C ILE A 237 -9.80 -6.09 -14.15
N PHE A 238 -9.04 -5.91 -15.24
CA PHE A 238 -7.80 -6.68 -15.40
C PHE A 238 -6.83 -6.38 -14.26
N ALA A 239 -7.05 -5.26 -13.57
CA ALA A 239 -6.20 -4.83 -12.47
C ALA A 239 -6.74 -5.19 -11.08
N THR A 240 -7.88 -5.87 -11.03
CA THR A 240 -8.46 -6.27 -9.74
C THR A 240 -7.59 -7.34 -9.12
N THR A 241 -7.27 -7.16 -7.84
CA THR A 241 -6.41 -8.11 -7.15
C THR A 241 -6.62 -7.93 -5.64
N GLY A 242 -5.56 -8.11 -4.87
CA GLY A 242 -5.69 -7.94 -3.43
C GLY A 242 -4.33 -7.78 -2.77
N TYR A 243 -4.34 -7.48 -1.48
CA TYR A 243 -3.09 -7.37 -0.74
C TYR A 243 -2.72 -8.77 -0.29
N GLY A 244 -1.43 -9.07 -0.29
CA GLY A 244 -1.01 -10.39 0.15
C GLY A 244 0.32 -10.26 0.87
N ILE A 245 0.64 -11.23 1.71
CA ILE A 245 1.90 -11.23 2.42
C ILE A 245 2.89 -11.88 1.47
N ALA A 246 4.03 -11.24 1.25
CA ALA A 246 5.02 -11.79 0.34
C ALA A 246 6.03 -12.64 1.11
N LEU A 247 6.37 -13.79 0.53
CA LEU A 247 7.34 -14.70 1.14
C LEU A 247 8.35 -15.07 0.06
N GLN A 248 9.48 -15.66 0.47
CA GLN A 248 10.48 -16.04 -0.51
C GLN A 248 9.90 -17.07 -1.48
N LYS A 249 10.37 -17.05 -2.72
CA LYS A 249 9.91 -17.98 -3.73
C LYS A 249 10.15 -19.41 -3.24
N GLY A 250 9.09 -20.20 -3.14
CA GLY A 250 9.22 -21.57 -2.67
C GLY A 250 9.25 -21.68 -1.15
N SER A 251 8.92 -20.60 -0.46
CA SER A 251 8.92 -20.57 0.99
C SER A 251 8.09 -21.68 1.63
N PRO A 252 8.60 -22.30 2.69
CA PRO A 252 7.85 -23.38 3.33
C PRO A 252 6.80 -22.84 4.32
N TRP A 253 6.73 -21.52 4.47
CA TRP A 253 5.78 -20.91 5.40
C TRP A 253 4.48 -20.44 4.77
N LYS A 254 4.41 -20.39 3.44
CA LYS A 254 3.18 -19.95 2.79
C LYS A 254 2.00 -20.82 3.24
N ARG A 255 2.21 -22.12 3.33
CA ARG A 255 1.16 -23.03 3.75
C ARG A 255 0.58 -22.67 5.10
N GLN A 256 1.44 -22.48 6.10
CA GLN A 256 0.97 -22.15 7.43
C GLN A 256 0.40 -20.74 7.55
N ILE A 257 0.94 -19.79 6.81
CA ILE A 257 0.43 -18.43 6.86
C ILE A 257 -0.99 -18.43 6.27
N ASP A 258 -1.16 -19.16 5.17
CA ASP A 258 -2.47 -19.25 4.53
C ASP A 258 -3.51 -19.89 5.44
N LEU A 259 -3.15 -20.98 6.10
CA LEU A 259 -4.08 -21.64 7.02
C LEU A 259 -4.55 -20.69 8.09
N ALA A 260 -3.62 -19.89 8.63
CA ALA A 260 -3.98 -18.93 9.68
C ALA A 260 -4.95 -17.88 9.15
N LEU A 261 -4.62 -17.29 8.00
CA LEU A 261 -5.50 -16.29 7.42
C LEU A 261 -6.90 -16.87 7.19
N LEU A 262 -6.95 -18.10 6.68
CA LEU A 262 -8.24 -18.74 6.43
C LEU A 262 -8.99 -18.96 7.74
N GLN A 263 -8.25 -19.28 8.80
CA GLN A 263 -8.85 -19.50 10.11
C GLN A 263 -9.49 -18.19 10.58
N PHE A 264 -8.76 -17.08 10.43
CA PHE A 264 -9.25 -15.77 10.86
C PHE A 264 -10.49 -15.36 10.08
N VAL A 265 -10.51 -15.61 8.78
CA VAL A 265 -11.66 -15.26 7.97
C VAL A 265 -12.89 -16.08 8.39
N GLY A 266 -12.70 -17.38 8.57
CA GLY A 266 -13.81 -18.24 8.95
C GLY A 266 -14.38 -17.97 10.33
N ASP A 267 -13.54 -17.62 11.28
CA ASP A 267 -13.97 -17.38 12.66
C ASP A 267 -14.53 -15.98 12.92
N GLY A 268 -14.39 -15.09 11.94
CA GLY A 268 -14.89 -13.74 12.11
C GLY A 268 -13.85 -12.79 12.68
N GLU A 269 -12.63 -13.27 12.88
CA GLU A 269 -11.58 -12.40 13.40
C GLU A 269 -11.20 -11.33 12.39
N MET A 270 -11.24 -11.70 11.11
CA MET A 270 -10.91 -10.75 10.06
C MET A 270 -11.99 -9.67 10.02
N GLU A 271 -13.23 -10.10 10.16
CA GLU A 271 -14.38 -9.19 10.18
C GLU A 271 -14.19 -8.13 11.27
N GLU A 272 -13.79 -8.58 12.45
CA GLU A 272 -13.56 -7.67 13.57
C GLU A 272 -12.46 -6.66 13.26
N LEU A 273 -11.38 -7.11 12.61
CA LEU A 273 -10.30 -6.20 12.27
C LEU A 273 -10.74 -5.15 11.26
N GLU A 274 -11.54 -5.57 10.29
CA GLU A 274 -12.02 -4.64 9.26
C GLU A 274 -12.87 -3.56 9.91
N THR A 275 -13.66 -3.96 10.90
CA THR A 275 -14.53 -3.01 11.62
C THR A 275 -13.71 -2.04 12.45
N LEU A 276 -12.64 -2.54 13.03
CA LEU A 276 -11.78 -1.72 13.87
C LEU A 276 -10.96 -0.70 13.09
N TRP A 277 -10.43 -1.09 11.93
CA TRP A 277 -9.56 -0.20 11.16
C TRP A 277 -10.01 0.37 9.82
N LEU A 278 -10.89 -0.33 9.10
CA LEU A 278 -11.25 0.11 7.76
C LEU A 278 -12.63 0.70 7.49
N THR A 279 -13.53 0.69 8.47
CA THR A 279 -14.86 1.22 8.26
C THR A 279 -14.86 2.71 7.93
N GLY A 280 -15.92 3.15 7.26
CA GLY A 280 -16.03 4.56 6.90
C GLY A 280 -17.31 5.14 7.46
N ILE A 281 -17.45 6.46 7.41
CA ILE A 281 -18.64 7.10 7.92
C ILE A 281 -19.33 7.94 6.85
N CYS A 282 -18.53 8.50 5.93
CA CYS A 282 -19.07 9.32 4.85
C CYS A 282 -19.93 8.51 3.89
N HIS A 283 -21.12 9.00 3.57
CA HIS A 283 -21.97 8.28 2.64
C HIS A 283 -21.53 8.56 1.21
#